data_6E4P
#
_entry.id   6E4P
#
_cell.length_a   49.123
_cell.length_b   126.297
_cell.length_c   49.203
_cell.angle_alpha   90.000
_cell.angle_beta   118.570
_cell.angle_gamma   90.000
#
_symmetry.space_group_name_H-M   'P 1 21 1'
#
loop_
_entity.id
_entity.type
_entity.pdbx_description
1 polymer "RNA (5'-R(P*UP*UP*UP*U)-3')"
2 polymer 'RNA-binding protein, putative'
3 water water
#
loop_
_entity_poly.entity_id
_entity_poly.type
_entity_poly.pdbx_seq_one_letter_code
_entity_poly.pdbx_strand_id
1 'polyribonucleotide' UUUU J,K
2 'polypeptide(L)' GSHMRVQVSGLSDETTWHTLKDHLRQAGEVTFCKVFSGGRAVVEFVTPEDAARAITELQASELEGATLFLR A,B,C,D,E,F,G,H,I
#
# COMPACT_ATOMS: atom_id res chain seq x y z
N SER C 2 -9.53 -23.30 -9.23
CA SER C 2 -9.64 -24.42 -8.31
C SER C 2 -9.00 -24.07 -6.97
N HIS C 3 -9.73 -24.52 -5.96
CA HIS C 3 -9.50 -24.11 -4.58
C HIS C 3 -8.48 -24.98 -3.86
N MET C 4 -7.97 -24.51 -2.73
CA MET C 4 -6.91 -25.24 -2.02
C MET C 4 -7.25 -25.42 -0.56
N ARG C 5 -7.17 -26.66 -0.11
CA ARG C 5 -7.54 -27.02 1.23
C ARG C 5 -6.34 -27.00 2.17
N VAL C 6 -6.58 -26.57 3.40
CA VAL C 6 -5.56 -26.52 4.44
C VAL C 6 -6.16 -27.08 5.73
N GLN C 7 -5.42 -27.94 6.42
CA GLN C 7 -5.83 -28.43 7.73
C GLN C 7 -5.35 -27.51 8.83
N VAL C 8 -6.14 -27.39 9.88
CA VAL C 8 -5.78 -26.59 11.04
C VAL C 8 -5.91 -27.41 12.32
N SER C 9 -4.94 -27.28 13.20
CA SER C 9 -5.02 -27.89 14.51
C SER C 9 -4.47 -26.92 15.57
N GLY C 10 -4.76 -27.21 16.83
CA GLY C 10 -4.29 -26.39 17.94
C GLY C 10 -5.29 -25.35 18.38
N LEU C 11 -6.47 -25.33 17.75
CA LEU C 11 -7.47 -24.32 18.04
C LEU C 11 -7.93 -24.41 19.49
N SER C 12 -8.23 -23.26 20.09
CA SER C 12 -8.89 -23.27 21.39
C SER C 12 -10.26 -23.92 21.24
N ASP C 13 -10.70 -24.65 22.27
CA ASP C 13 -11.97 -25.36 22.22
C ASP C 13 -13.17 -24.43 22.02
N GLU C 14 -12.99 -23.14 22.24
CA GLU C 14 -14.13 -22.25 22.06
C GLU C 14 -14.11 -21.48 20.74
N THR C 15 -13.05 -21.64 19.95
CA THR C 15 -12.98 -20.97 18.65
C THR C 15 -13.99 -21.57 17.66
N THR C 16 -14.80 -20.71 17.05
CA THR C 16 -15.81 -21.14 16.08
C THR C 16 -15.31 -21.00 14.65
N TRP C 17 -16.08 -21.48 13.68
CA TRP C 17 -15.65 -21.41 12.30
C TRP C 17 -15.65 -19.95 11.83
N HIS C 18 -16.59 -19.16 12.35
CA HIS C 18 -16.66 -17.72 12.02
C HIS C 18 -15.39 -17.01 12.42
N THR C 19 -14.94 -17.27 13.64
CA THR C 19 -13.75 -16.65 14.19
C THR C 19 -12.48 -17.09 13.44
N LEU C 20 -12.39 -18.38 13.12
CA LEU C 20 -11.26 -18.91 12.36
C LEU C 20 -11.19 -18.30 10.96
N LYS C 21 -12.34 -18.20 10.30
CA LYS C 21 -12.42 -17.58 8.98
C LYS C 21 -11.93 -16.12 9.00
N ASP C 22 -12.40 -15.34 9.96
CA ASP C 22 -11.93 -13.96 10.13
C ASP C 22 -10.40 -13.91 10.27
N HIS C 23 -9.85 -14.78 11.11
CA HIS C 23 -8.42 -14.86 11.32
C HIS C 23 -7.66 -15.13 10.01
N LEU C 24 -8.10 -16.13 9.27
CA LEU C 24 -7.38 -16.56 8.08
C LEU C 24 -7.55 -15.59 6.92
N ARG C 25 -8.67 -14.88 6.89
CA ARG C 25 -8.90 -13.87 5.86
C ARG C 25 -7.98 -12.66 6.00
N GLN C 26 -7.26 -12.56 7.11
CA GLN C 26 -6.19 -11.57 7.23
C GLN C 26 -5.10 -11.78 6.17
N ALA C 27 -5.00 -12.99 5.65
CA ALA C 27 -3.96 -13.32 4.69
C ALA C 27 -4.50 -13.75 3.33
N GLY C 28 -5.60 -14.52 3.35
CA GLY C 28 -6.10 -15.09 2.11
C GLY C 28 -7.59 -15.30 2.14
N GLU C 29 -8.24 -15.15 0.99
CA GLU C 29 -9.69 -15.29 0.92
C GLU C 29 -10.12 -16.75 1.06
N VAL C 30 -11.19 -16.95 1.82
CA VAL C 30 -11.65 -18.26 2.23
C VAL C 30 -13.00 -18.59 1.61
N THR C 31 -13.14 -19.77 1.00
CA THR C 31 -14.45 -20.19 0.51
C THR C 31 -15.27 -20.70 1.70
N PHE C 32 -14.78 -21.73 2.38
CA PHE C 32 -15.46 -22.18 3.59
C PHE C 32 -14.47 -22.60 4.65
N CYS C 33 -15.00 -22.82 5.84
CA CYS C 33 -14.21 -23.16 7.01
C CYS C 33 -15.09 -23.97 7.95
N LYS C 34 -14.63 -25.16 8.35
CA LYS C 34 -15.39 -26.01 9.25
C LYS C 34 -14.57 -26.43 10.44
N VAL C 35 -15.13 -26.27 11.64
CA VAL C 35 -14.39 -26.62 12.85
C VAL C 35 -14.99 -27.88 13.47
N PHE C 36 -14.12 -28.79 13.90
CA PHE C 36 -14.53 -30.04 14.51
C PHE C 36 -14.04 -30.11 15.96
N SER C 37 -14.44 -31.14 16.71
CA SER C 37 -13.99 -31.24 18.09
C SER C 37 -12.47 -31.41 18.16
N GLY C 38 -11.88 -31.07 19.30
CA GLY C 38 -10.46 -31.27 19.51
C GLY C 38 -9.58 -30.20 18.88
N GLY C 39 -10.14 -29.03 18.61
CA GLY C 39 -9.36 -27.92 18.10
C GLY C 39 -8.85 -28.16 16.69
N ARG C 40 -9.59 -28.94 15.92
CA ARG C 40 -9.18 -29.24 14.55
C ARG C 40 -10.17 -28.70 13.53
N ALA C 41 -9.67 -28.34 12.36
CA ALA C 41 -10.51 -27.69 11.37
C ALA C 41 -10.01 -27.94 9.97
N VAL C 42 -10.90 -27.74 9.00
CA VAL C 42 -10.50 -27.76 7.61
C VAL C 42 -10.97 -26.46 6.95
N VAL C 43 -10.12 -25.89 6.12
CA VAL C 43 -10.42 -24.61 5.50
C VAL C 43 -10.12 -24.72 4.03
N GLU C 44 -10.92 -24.06 3.20
CA GLU C 44 -10.63 -24.03 1.78
C GLU C 44 -10.45 -22.57 1.36
N PHE C 45 -9.37 -22.31 0.62
CA PHE C 45 -9.04 -20.98 0.12
C PHE C 45 -9.44 -20.83 -1.34
N VAL C 46 -9.75 -19.61 -1.74
CA VAL C 46 -10.31 -19.39 -3.06
C VAL C 46 -9.31 -19.77 -4.15
N THR C 47 -8.07 -19.33 -4.00
CA THR C 47 -7.02 -19.64 -4.95
C THR C 47 -5.79 -20.21 -4.24
N PRO C 48 -4.91 -20.90 -4.99
CA PRO C 48 -3.63 -21.31 -4.42
C PRO C 48 -2.84 -20.15 -3.86
N GLU C 49 -2.98 -18.99 -4.49
CA GLU C 49 -2.31 -17.79 -4.02
C GLU C 49 -2.74 -17.48 -2.60
N ASP C 50 -4.06 -17.53 -2.35
CA ASP C 50 -4.59 -17.25 -1.01
C ASP C 50 -4.07 -18.24 0.01
N ALA C 51 -4.02 -19.52 -0.38
CA ALA C 51 -3.54 -20.53 0.54
C ALA C 51 -2.07 -20.27 0.87
N ALA C 52 -1.30 -19.88 -0.13
CA ALA C 52 0.14 -19.64 0.06
C ALA C 52 0.38 -18.46 1.00
N ARG C 53 -0.49 -17.46 0.93
CA ARG C 53 -0.36 -16.30 1.81
C ARG C 53 -0.73 -16.69 3.25
N ALA C 54 -1.76 -17.53 3.39
CA ALA C 54 -2.15 -18.01 4.71
C ALA C 54 -1.05 -18.87 5.33
N ILE C 55 -0.44 -19.75 4.56
CA ILE C 55 0.61 -20.60 5.09
C ILE C 55 1.83 -19.79 5.52
N THR C 56 2.27 -18.86 4.67
CA THR C 56 3.47 -18.10 4.97
C THR C 56 3.27 -17.10 6.11
N GLU C 57 2.11 -16.46 6.16
CA GLU C 57 1.94 -15.36 7.11
C GLU C 57 1.28 -15.78 8.42
N LEU C 58 0.54 -16.89 8.41
CA LEU C 58 -0.25 -17.28 9.59
C LEU C 58 0.13 -18.64 10.21
N GLN C 59 1.20 -19.25 9.73
CA GLN C 59 1.71 -20.46 10.39
C GLN C 59 2.21 -20.12 11.80
N ALA C 60 1.78 -20.92 12.78
CA ALA C 60 2.11 -20.71 14.19
C ALA C 60 1.57 -19.40 14.71
N SER C 61 0.55 -18.86 14.05
CA SER C 61 -0.08 -17.64 14.52
C SER C 61 -0.96 -17.95 15.74
N GLU C 62 -1.36 -16.91 16.45
CA GLU C 62 -2.15 -17.06 17.66
C GLU C 62 -3.58 -16.60 17.45
N LEU C 63 -4.53 -17.45 17.84
CA LEU C 63 -5.94 -17.12 17.74
C LEU C 63 -6.66 -17.51 19.02
N GLU C 64 -7.23 -16.51 19.71
CA GLU C 64 -7.87 -16.69 21.01
C GLU C 64 -6.99 -17.48 21.98
N GLY C 65 -5.72 -17.10 22.04
CA GLY C 65 -4.80 -17.68 23.01
C GLY C 65 -4.02 -18.90 22.53
N ALA C 66 -4.44 -19.48 21.41
CA ALA C 66 -3.87 -20.74 20.94
C ALA C 66 -2.99 -20.57 19.70
N THR C 67 -1.87 -21.29 19.69
CA THR C 67 -0.95 -21.29 18.55
C THR C 67 -1.40 -22.32 17.51
N LEU C 68 -1.65 -21.86 16.29
CA LEU C 68 -2.22 -22.69 15.25
C LEU C 68 -1.16 -23.43 14.43
N PHE C 69 -1.47 -24.67 14.08
CA PHE C 69 -0.61 -25.44 13.18
C PHE C 69 -1.37 -25.66 11.87
N LEU C 70 -0.80 -25.18 10.77
CA LEU C 70 -1.42 -25.25 9.44
C LEU C 70 -0.70 -26.26 8.55
N ARG C 71 -1.45 -27.04 7.78
CA ARG C 71 -0.86 -27.99 6.84
C ARG C 71 -1.46 -27.88 5.45
N HIS D 3 7.99 -37.86 -0.37
CA HIS D 3 8.89 -36.94 0.30
C HIS D 3 9.99 -36.45 -0.65
N MET D 4 10.03 -37.04 -1.84
CA MET D 4 10.97 -36.61 -2.87
C MET D 4 10.34 -35.56 -3.77
N ARG D 5 9.01 -35.44 -3.68
CA ARG D 5 8.27 -34.62 -4.64
C ARG D 5 7.58 -33.41 -4.01
N VAL D 6 7.26 -32.43 -4.85
CA VAL D 6 6.53 -31.24 -4.42
C VAL D 6 5.42 -30.96 -5.43
N GLN D 7 4.20 -30.76 -4.94
CA GLN D 7 3.08 -30.32 -5.77
C GLN D 7 3.07 -28.80 -5.89
N VAL D 8 3.09 -28.30 -7.12
CA VAL D 8 3.02 -26.85 -7.33
C VAL D 8 1.65 -26.48 -7.90
N SER D 9 1.04 -25.44 -7.34
CA SER D 9 -0.21 -24.93 -7.88
C SER D 9 -0.18 -23.40 -8.01
N GLY D 10 -1.09 -22.87 -8.81
CA GLY D 10 -1.19 -21.44 -9.03
C GLY D 10 -0.29 -20.92 -10.14
N LEU D 11 0.29 -21.82 -10.92
CA LEU D 11 1.17 -21.44 -12.00
C LEU D 11 0.41 -20.67 -13.06
N SER D 12 1.07 -19.69 -13.68
CA SER D 12 0.52 -19.07 -14.87
C SER D 12 0.40 -20.12 -15.98
N ASP D 13 -0.54 -19.91 -16.90
CA ASP D 13 -0.72 -20.80 -18.05
C ASP D 13 0.51 -20.80 -18.96
N GLU D 14 1.27 -19.71 -18.91
CA GLU D 14 2.43 -19.51 -19.78
C GLU D 14 3.65 -20.31 -19.34
N THR D 15 3.72 -20.61 -18.04
CA THR D 15 4.93 -21.17 -17.46
C THR D 15 5.18 -22.60 -17.96
N THR D 16 6.36 -22.81 -18.53
CA THR D 16 6.77 -24.12 -19.00
C THR D 16 7.55 -24.84 -17.91
N TRP D 17 7.71 -26.15 -18.04
CA TRP D 17 8.47 -26.93 -17.07
C TRP D 17 9.90 -26.43 -16.93
N HIS D 18 10.45 -25.90 -18.02
CA HIS D 18 11.81 -25.37 -18.00
C HIS D 18 11.93 -24.16 -17.07
N THR D 19 10.98 -23.24 -17.18
CA THR D 19 10.99 -22.04 -16.35
C THR D 19 10.76 -22.36 -14.88
N LEU D 20 9.90 -23.34 -14.63
CA LEU D 20 9.62 -23.74 -13.24
C LEU D 20 10.83 -24.47 -12.66
N LYS D 21 11.45 -25.33 -13.45
CA LYS D 21 12.65 -26.03 -13.02
C LYS D 21 13.75 -25.04 -12.64
N ASP D 22 13.96 -24.05 -13.51
CA ASP D 22 14.95 -23.01 -13.25
C ASP D 22 14.65 -22.24 -11.97
N HIS D 23 13.37 -21.93 -11.76
CA HIS D 23 12.90 -21.24 -10.57
C HIS D 23 13.18 -22.02 -9.28
N LEU D 24 12.84 -23.30 -9.27
CA LEU D 24 12.98 -24.13 -8.08
C LEU D 24 14.43 -24.48 -7.77
N ARG D 25 15.28 -24.49 -8.81
CA ARG D 25 16.68 -24.83 -8.64
C ARG D 25 17.44 -23.81 -7.81
N GLN D 26 16.84 -22.65 -7.60
CA GLN D 26 17.36 -21.67 -6.66
C GLN D 26 17.52 -22.30 -5.27
N ALA D 27 16.62 -23.24 -4.97
CA ALA D 27 16.53 -23.80 -3.63
C ALA D 27 17.01 -25.24 -3.58
N GLY D 28 16.60 -26.04 -4.56
CA GLY D 28 16.99 -27.44 -4.59
C GLY D 28 17.17 -27.98 -6.00
N GLU D 29 18.00 -29.03 -6.14
CA GLU D 29 18.25 -29.60 -7.46
C GLU D 29 17.13 -30.55 -7.88
N VAL D 30 16.64 -30.34 -9.10
CA VAL D 30 15.46 -31.02 -9.63
C VAL D 30 15.80 -32.23 -10.51
N THR D 31 15.20 -33.38 -10.24
CA THR D 31 15.43 -34.56 -11.08
C THR D 31 14.40 -34.66 -12.19
N PHE D 32 13.23 -34.10 -11.97
CA PHE D 32 12.19 -34.07 -12.99
C PHE D 32 11.11 -33.05 -12.67
N CYS D 33 10.77 -32.24 -13.65
CA CYS D 33 9.73 -31.23 -13.48
C CYS D 33 8.62 -31.43 -14.50
N LYS D 34 7.44 -31.83 -14.04
CA LYS D 34 6.34 -32.02 -14.97
C LYS D 34 5.22 -31.03 -14.72
N VAL D 35 4.85 -30.31 -15.78
CA VAL D 35 3.78 -29.33 -15.70
C VAL D 35 2.52 -29.88 -16.35
N PHE D 36 1.40 -29.76 -15.65
CA PHE D 36 0.12 -30.20 -16.18
C PHE D 36 -0.73 -28.99 -16.55
N SER D 37 -1.90 -29.27 -17.12
CA SER D 37 -2.88 -28.23 -17.39
C SER D 37 -3.41 -27.66 -16.08
N GLY D 38 -3.91 -26.42 -16.13
CA GLY D 38 -4.53 -25.83 -14.96
C GLY D 38 -3.57 -25.25 -13.92
N GLY D 39 -2.35 -24.97 -14.34
CA GLY D 39 -1.37 -24.35 -13.47
C GLY D 39 -0.87 -25.24 -12.36
N ARG D 40 -0.90 -26.56 -12.59
CA ARG D 40 -0.42 -27.54 -11.62
C ARG D 40 0.88 -28.17 -12.11
N ALA D 41 1.80 -28.45 -11.19
CA ALA D 41 3.01 -29.16 -11.56
C ALA D 41 3.43 -30.12 -10.47
N VAL D 42 4.15 -31.16 -10.86
CA VAL D 42 4.77 -32.07 -9.92
C VAL D 42 6.26 -32.10 -10.19
N VAL D 43 7.04 -31.90 -9.13
CA VAL D 43 8.48 -31.76 -9.27
C VAL D 43 9.17 -32.71 -8.31
N GLU D 44 10.08 -33.51 -8.84
CA GLU D 44 10.85 -34.43 -8.02
C GLU D 44 12.28 -33.91 -7.85
N PHE D 45 12.77 -33.92 -6.61
CA PHE D 45 14.10 -33.40 -6.32
C PHE D 45 15.10 -34.54 -6.07
N VAL D 46 16.38 -34.19 -6.02
CA VAL D 46 17.45 -35.15 -5.83
C VAL D 46 17.40 -35.79 -4.45
N THR D 47 17.07 -34.98 -3.44
CA THR D 47 17.01 -35.44 -2.06
C THR D 47 15.70 -34.95 -1.41
N PRO D 48 15.32 -35.55 -0.26
CA PRO D 48 14.15 -34.97 0.41
C PRO D 48 14.42 -33.59 0.98
N GLU D 49 15.67 -33.30 1.35
CA GLU D 49 15.98 -32.00 1.94
C GLU D 49 15.98 -30.90 0.89
N ASP D 50 16.18 -31.28 -0.37
CA ASP D 50 16.08 -30.33 -1.48
C ASP D 50 14.63 -29.90 -1.67
N ALA D 51 13.72 -30.87 -1.59
CA ALA D 51 12.30 -30.62 -1.75
C ALA D 51 11.78 -29.80 -0.57
N ALA D 52 12.18 -30.22 0.63
CA ALA D 52 11.81 -29.50 1.85
C ALA D 52 12.30 -28.05 1.82
N ARG D 53 13.53 -27.86 1.35
CA ARG D 53 14.12 -26.54 1.27
C ARG D 53 13.39 -25.65 0.26
N ALA D 54 13.02 -26.22 -0.89
CA ALA D 54 12.28 -25.47 -1.90
C ALA D 54 10.92 -25.02 -1.38
N ILE D 55 10.27 -25.87 -0.58
CA ILE D 55 8.98 -25.54 -0.03
C ILE D 55 9.06 -24.36 0.95
N THR D 56 10.06 -24.36 1.83
CA THR D 56 10.13 -23.31 2.84
C THR D 56 10.76 -22.02 2.29
N GLU D 57 11.60 -22.12 1.27
CA GLU D 57 12.23 -20.93 0.71
C GLU D 57 11.43 -20.26 -0.43
N LEU D 58 10.56 -21.02 -1.09
CA LEU D 58 9.89 -20.51 -2.28
C LEU D 58 8.37 -20.60 -2.16
N GLN D 59 7.89 -20.85 -0.96
CA GLN D 59 6.46 -20.76 -0.68
C GLN D 59 6.01 -19.31 -0.96
N ALA D 60 4.89 -19.17 -1.66
CA ALA D 60 4.35 -17.87 -2.03
C ALA D 60 5.32 -17.04 -2.90
N SER D 61 6.29 -17.71 -3.52
CA SER D 61 7.21 -16.98 -4.40
C SER D 61 6.50 -16.62 -5.69
N GLU D 62 7.10 -15.70 -6.44
CA GLU D 62 6.49 -15.20 -7.66
C GLU D 62 7.25 -15.73 -8.86
N LEU D 63 6.51 -16.30 -9.80
CA LEU D 63 7.10 -16.78 -11.05
C LEU D 63 6.22 -16.35 -12.21
N GLU D 64 6.77 -15.49 -13.06
CA GLU D 64 6.06 -14.97 -14.23
C GLU D 64 4.70 -14.43 -13.85
N GLY D 65 4.67 -13.64 -12.78
CA GLY D 65 3.45 -12.96 -12.37
C GLY D 65 2.56 -13.72 -11.40
N ALA D 66 2.85 -15.01 -11.21
CA ALA D 66 2.00 -15.84 -10.37
C ALA D 66 2.62 -16.14 -9.00
N THR D 67 1.77 -16.10 -7.98
CA THR D 67 2.19 -16.47 -6.63
C THR D 67 1.96 -17.96 -6.43
N LEU D 68 3.03 -18.69 -6.11
CA LEU D 68 2.99 -20.15 -6.13
C LEU D 68 2.67 -20.76 -4.78
N PHE D 69 1.90 -21.84 -4.80
CA PHE D 69 1.63 -22.62 -3.59
C PHE D 69 2.36 -23.95 -3.70
N LEU D 70 3.18 -24.27 -2.70
CA LEU D 70 4.00 -25.49 -2.73
C LEU D 70 3.63 -26.42 -1.58
N ARG D 71 3.46 -27.71 -1.87
CA ARG D 71 3.15 -28.66 -0.81
C ARG D 71 3.62 -30.08 -1.15
N MET E 4 -5.22 -5.58 2.28
CA MET E 4 -5.62 -4.21 2.02
C MET E 4 -7.10 -4.01 2.25
N ARG E 5 -7.79 -5.00 2.82
CA ARG E 5 -9.16 -4.75 3.24
C ARG E 5 -9.19 -3.98 4.54
N VAL E 6 -9.85 -2.83 4.51
CA VAL E 6 -9.97 -1.96 5.67
C VAL E 6 -11.43 -1.87 6.09
N GLN E 7 -11.69 -1.99 7.40
CA GLN E 7 -13.05 -1.89 7.90
C GLN E 7 -13.35 -0.46 8.30
N VAL E 8 -14.52 0.02 7.89
CA VAL E 8 -14.96 1.35 8.25
C VAL E 8 -16.15 1.24 9.19
N SER E 9 -16.20 2.10 10.20
CA SER E 9 -17.31 2.10 11.14
C SER E 9 -17.73 3.52 11.52
N GLY E 10 -18.93 3.66 12.04
CA GLY E 10 -19.42 4.94 12.52
C GLY E 10 -20.12 5.79 11.47
N LEU E 11 -20.41 5.19 10.31
CA LEU E 11 -21.00 5.91 9.19
C LEU E 11 -22.43 6.34 9.46
N SER E 12 -22.81 7.46 8.84
CA SER E 12 -24.19 7.90 8.86
C SER E 12 -25.07 6.88 8.13
N ASP E 13 -26.31 6.72 8.59
CA ASP E 13 -27.28 5.87 7.92
C ASP E 13 -27.45 6.24 6.45
N GLU E 14 -27.24 7.53 6.16
CA GLU E 14 -27.46 8.06 4.82
C GLU E 14 -26.30 7.77 3.87
N THR E 15 -25.11 7.51 4.41
CA THR E 15 -23.91 7.38 3.60
C THR E 15 -23.95 6.16 2.69
N THR E 16 -23.64 6.39 1.41
CA THR E 16 -23.60 5.35 0.40
C THR E 16 -22.15 5.17 -0.06
N TRP E 17 -21.89 4.15 -0.87
CA TRP E 17 -20.52 3.89 -1.28
C TRP E 17 -19.98 5.02 -2.14
N HIS E 18 -20.89 5.79 -2.75
CA HIS E 18 -20.48 6.94 -3.56
C HIS E 18 -19.81 8.00 -2.69
N THR E 19 -20.45 8.37 -1.58
CA THR E 19 -19.90 9.37 -0.68
C THR E 19 -18.73 8.83 0.15
N LEU E 20 -18.74 7.54 0.45
CA LEU E 20 -17.65 6.94 1.21
C LEU E 20 -16.39 6.86 0.35
N LYS E 21 -16.54 6.40 -0.89
CA LYS E 21 -15.40 6.31 -1.80
C LYS E 21 -14.79 7.68 -2.08
N ASP E 22 -15.62 8.70 -2.22
CA ASP E 22 -15.15 10.05 -2.48
C ASP E 22 -14.31 10.58 -1.31
N HIS E 23 -14.82 10.37 -0.10
CA HIS E 23 -14.09 10.71 1.12
C HIS E 23 -12.75 9.98 1.21
N LEU E 24 -12.77 8.67 0.98
CA LEU E 24 -11.55 7.87 1.14
C LEU E 24 -10.50 8.18 0.09
N ARG E 25 -10.96 8.67 -1.07
CA ARG E 25 -10.08 8.98 -2.19
C ARG E 25 -9.03 10.04 -1.85
N GLN E 26 -9.27 10.83 -0.81
CA GLN E 26 -8.23 11.73 -0.29
C GLN E 26 -6.96 10.95 0.03
N ALA E 27 -7.13 9.75 0.56
CA ALA E 27 -6.00 8.91 0.94
C ALA E 27 -5.53 8.07 -0.24
N GLY E 28 -6.48 7.55 -1.02
CA GLY E 28 -6.13 6.74 -2.16
C GLY E 28 -7.32 6.13 -2.87
N GLU E 29 -7.07 5.58 -4.05
CA GLU E 29 -8.14 5.04 -4.87
C GLU E 29 -8.67 3.72 -4.31
N VAL E 30 -9.94 3.46 -4.56
CA VAL E 30 -10.65 2.32 -3.98
C VAL E 30 -11.10 1.32 -5.06
N THR E 31 -10.77 0.04 -4.89
CA THR E 31 -11.18 -0.99 -5.86
C THR E 31 -12.39 -1.80 -5.40
N PHE E 32 -12.69 -1.75 -4.11
CA PHE E 32 -13.82 -2.46 -3.56
C PHE E 32 -14.46 -1.61 -2.49
N CYS E 33 -15.78 -1.54 -2.48
CA CYS E 33 -16.49 -0.78 -1.46
C CYS E 33 -17.90 -1.32 -1.24
N LYS E 34 -18.11 -1.90 -0.07
CA LYS E 34 -19.40 -2.47 0.28
C LYS E 34 -19.92 -1.84 1.57
N VAL E 35 -21.07 -1.19 1.50
CA VAL E 35 -21.62 -0.58 2.69
C VAL E 35 -22.64 -1.51 3.34
N PHE E 36 -22.41 -1.80 4.61
CA PHE E 36 -23.32 -2.66 5.37
C PHE E 36 -24.27 -1.83 6.22
N SER E 37 -25.24 -2.50 6.82
CA SER E 37 -26.10 -1.87 7.81
C SER E 37 -25.32 -1.56 9.09
N GLY E 38 -25.87 -0.68 9.92
CA GLY E 38 -25.24 -0.35 11.19
C GLY E 38 -24.00 0.52 11.06
N GLY E 39 -23.87 1.20 9.92
CA GLY E 39 -22.83 2.19 9.73
C GLY E 39 -21.46 1.58 9.42
N ARG E 40 -21.46 0.34 8.96
CA ARG E 40 -20.22 -0.34 8.63
C ARG E 40 -19.97 -0.40 7.13
N ALA E 41 -18.71 -0.51 6.75
CA ALA E 41 -18.34 -0.75 5.38
C ALA E 41 -17.03 -1.53 5.32
N VAL E 42 -16.80 -2.18 4.19
CA VAL E 42 -15.52 -2.84 3.93
C VAL E 42 -14.97 -2.30 2.61
N VAL E 43 -13.70 -1.91 2.63
CA VAL E 43 -13.08 -1.24 1.50
C VAL E 43 -11.72 -1.88 1.19
N GLU E 44 -11.38 -1.96 -0.09
CA GLU E 44 -10.04 -2.37 -0.50
C GLU E 44 -9.38 -1.25 -1.29
N PHE E 45 -8.17 -0.86 -0.90
CA PHE E 45 -7.46 0.17 -1.65
C PHE E 45 -6.63 -0.46 -2.77
N VAL E 46 -6.22 0.35 -3.74
CA VAL E 46 -5.40 -0.13 -4.86
C VAL E 46 -4.05 -0.64 -4.38
N THR E 47 -3.43 0.08 -3.43
CA THR E 47 -2.12 -0.28 -2.91
C THR E 47 -2.10 -0.24 -1.38
N PRO E 48 -1.16 -0.99 -0.77
CA PRO E 48 -0.93 -0.91 0.68
C PRO E 48 -0.61 0.51 1.16
N GLU E 49 0.10 1.27 0.33
CA GLU E 49 0.39 2.66 0.64
C GLU E 49 -0.89 3.46 0.86
N ASP E 50 -1.87 3.25 -0.02
CA ASP E 50 -3.17 3.92 0.10
C ASP E 50 -3.86 3.55 1.39
N ALA E 51 -3.86 2.25 1.71
CA ALA E 51 -4.48 1.77 2.93
C ALA E 51 -3.79 2.35 4.17
N ALA E 52 -2.45 2.39 4.13
CA ALA E 52 -1.66 2.91 5.24
C ALA E 52 -1.95 4.39 5.47
N ARG E 53 -2.09 5.15 4.39
CA ARG E 53 -2.41 6.56 4.54
C ARG E 53 -3.83 6.75 5.08
N ALA E 54 -4.77 5.95 4.60
CA ALA E 54 -6.15 6.02 5.07
C ALA E 54 -6.25 5.74 6.55
N ILE E 55 -5.58 4.69 7.00
CA ILE E 55 -5.69 4.25 8.38
C ILE E 55 -4.94 5.19 9.33
N THR E 56 -4.00 5.98 8.80
CA THR E 56 -3.28 6.94 9.62
C THR E 56 -3.85 8.35 9.51
N GLU E 57 -4.39 8.71 8.35
CA GLU E 57 -4.76 10.11 8.11
C GLU E 57 -6.26 10.40 8.15
N LEU E 58 -7.10 9.36 8.18
CA LEU E 58 -8.54 9.57 8.13
C LEU E 58 -9.26 9.05 9.38
N GLN E 59 -8.51 8.74 10.44
CA GLN E 59 -9.14 8.34 11.70
C GLN E 59 -9.91 9.48 12.33
N ALA E 60 -11.15 9.19 12.71
CA ALA E 60 -12.05 10.16 13.33
C ALA E 60 -12.36 11.31 12.38
N SER E 61 -12.23 11.05 11.08
CA SER E 61 -12.57 12.05 10.08
C SER E 61 -14.08 12.17 9.98
N GLU E 62 -14.55 13.33 9.53
CA GLU E 62 -15.98 13.60 9.50
C GLU E 62 -16.55 13.35 8.10
N LEU E 63 -17.67 12.63 8.05
CA LEU E 63 -18.36 12.39 6.78
C LEU E 63 -19.87 12.43 6.98
N GLU E 64 -20.51 13.37 6.29
CA GLU E 64 -21.95 13.59 6.37
C GLU E 64 -22.42 13.64 7.83
N GLY E 65 -21.68 14.40 8.64
CA GLY E 65 -22.07 14.65 10.03
C GLY E 65 -21.57 13.62 11.02
N ALA E 66 -21.08 12.50 10.53
CA ALA E 66 -20.67 11.39 11.39
C ALA E 66 -19.16 11.35 11.56
N THR E 67 -18.71 10.75 12.66
CA THR E 67 -17.28 10.58 12.91
C THR E 67 -16.94 9.13 12.53
N LEU E 68 -16.04 9.01 11.58
CA LEU E 68 -15.65 7.75 10.96
C LEU E 68 -14.38 7.12 11.55
N PHE E 69 -14.35 5.79 11.67
CA PHE E 69 -13.14 5.11 12.13
C PHE E 69 -12.78 3.94 11.23
N LEU E 70 -11.47 3.68 11.13
CA LEU E 70 -10.95 2.68 10.21
C LEU E 70 -10.22 1.60 10.98
N ARG E 71 -10.31 0.37 10.50
CA ARG E 71 -9.67 -0.73 11.20
C ARG E 71 -9.09 -1.74 10.22
N GLY F 1 -38.11 -15.56 -8.30
CA GLY F 1 -36.68 -15.69 -8.47
C GLY F 1 -36.24 -15.49 -9.91
N SER F 2 -36.85 -16.25 -10.81
CA SER F 2 -36.51 -16.24 -12.24
C SER F 2 -36.33 -14.86 -12.85
N HIS F 3 -37.21 -13.93 -12.49
CA HIS F 3 -37.19 -12.60 -13.09
C HIS F 3 -36.04 -11.74 -12.59
N MET F 4 -35.51 -12.07 -11.41
CA MET F 4 -34.44 -11.28 -10.81
C MET F 4 -33.05 -11.74 -11.27
N ARG F 5 -33.01 -12.43 -12.40
CA ARG F 5 -31.74 -12.96 -12.90
C ARG F 5 -31.07 -12.01 -13.89
N VAL F 6 -29.75 -11.92 -13.77
CA VAL F 6 -28.93 -11.06 -14.61
C VAL F 6 -27.79 -11.90 -15.15
N GLN F 7 -27.47 -11.72 -16.44
CA GLN F 7 -26.38 -12.45 -17.06
C GLN F 7 -25.09 -11.66 -16.94
N VAL F 8 -24.00 -12.37 -16.63
CA VAL F 8 -22.68 -11.75 -16.52
C VAL F 8 -21.76 -12.32 -17.60
N SER F 9 -20.96 -11.45 -18.22
CA SER F 9 -20.03 -11.91 -19.25
C SER F 9 -18.70 -11.16 -19.14
N GLY F 10 -17.67 -11.72 -19.76
CA GLY F 10 -16.37 -11.08 -19.77
C GLY F 10 -15.46 -11.48 -18.61
N LEU F 11 -15.88 -12.48 -17.85
CA LEU F 11 -15.13 -12.92 -16.67
C LEU F 11 -13.79 -13.53 -17.04
N SER F 12 -12.79 -13.31 -16.22
CA SER F 12 -11.52 -14.01 -16.33
C SER F 12 -11.72 -15.52 -16.19
N ASP F 13 -10.88 -16.29 -16.88
CA ASP F 13 -10.91 -17.75 -16.83
C ASP F 13 -10.90 -18.30 -15.40
N GLU F 14 -10.16 -17.62 -14.54
CA GLU F 14 -9.89 -18.12 -13.19
C GLU F 14 -10.94 -17.72 -12.15
N THR F 15 -11.75 -16.72 -12.47
CA THR F 15 -12.73 -16.21 -11.51
C THR F 15 -13.79 -17.25 -11.18
N THR F 16 -13.96 -17.51 -9.89
CA THR F 16 -14.96 -18.46 -9.41
C THR F 16 -16.19 -17.72 -8.93
N TRP F 17 -17.25 -18.45 -8.62
CA TRP F 17 -18.49 -17.80 -8.25
C TRP F 17 -18.40 -17.08 -6.91
N HIS F 18 -17.50 -17.56 -6.03
CA HIS F 18 -17.26 -16.90 -4.76
C HIS F 18 -16.81 -15.46 -4.97
N THR F 19 -15.82 -15.28 -5.82
CA THR F 19 -15.26 -13.96 -6.13
C THR F 19 -16.27 -13.07 -6.84
N LEU F 20 -17.01 -13.64 -7.78
CA LEU F 20 -18.01 -12.88 -8.51
C LEU F 20 -19.14 -12.43 -7.58
N LYS F 21 -19.60 -13.33 -6.73
CA LYS F 21 -20.65 -13.01 -5.76
C LYS F 21 -20.24 -11.85 -4.87
N ASP F 22 -19.03 -11.92 -4.33
CA ASP F 22 -18.62 -10.85 -3.42
C ASP F 22 -18.46 -9.53 -4.16
N HIS F 23 -18.04 -9.56 -5.42
CA HIS F 23 -17.97 -8.35 -6.23
C HIS F 23 -19.34 -7.71 -6.42
N LEU F 24 -20.32 -8.52 -6.77
CA LEU F 24 -21.66 -8.03 -7.06
C LEU F 24 -22.36 -7.53 -5.80
N ARG F 25 -21.99 -8.09 -4.66
CA ARG F 25 -22.61 -7.74 -3.38
C ARG F 25 -22.39 -6.29 -2.99
N GLN F 26 -21.45 -5.61 -3.65
CA GLN F 26 -21.26 -4.19 -3.46
C GLN F 26 -22.54 -3.41 -3.75
N ALA F 27 -23.36 -3.90 -4.68
CA ALA F 27 -24.54 -3.18 -5.12
C ALA F 27 -25.82 -3.91 -4.75
N GLY F 28 -25.77 -5.24 -4.77
CA GLY F 28 -26.95 -6.03 -4.50
C GLY F 28 -26.67 -7.39 -3.87
N GLU F 29 -27.49 -7.76 -2.90
CA GLU F 29 -27.37 -9.05 -2.24
C GLU F 29 -27.77 -10.18 -3.18
N VAL F 30 -27.05 -11.30 -3.10
CA VAL F 30 -27.21 -12.36 -4.09
C VAL F 30 -27.85 -13.62 -3.54
N THR F 31 -28.84 -14.14 -4.25
CA THR F 31 -29.45 -15.42 -3.91
C THR F 31 -28.56 -16.56 -4.38
N PHE F 32 -28.21 -16.59 -5.65
CA PHE F 32 -27.23 -17.56 -6.11
C PHE F 32 -26.46 -17.03 -7.31
N CYS F 33 -25.25 -17.57 -7.47
CA CYS F 33 -24.30 -17.10 -8.47
C CYS F 33 -23.65 -18.32 -9.12
N LYS F 34 -23.86 -18.48 -10.42
CA LYS F 34 -23.40 -19.68 -11.11
C LYS F 34 -22.50 -19.33 -12.29
N VAL F 35 -21.27 -19.82 -12.27
CA VAL F 35 -20.29 -19.50 -13.29
C VAL F 35 -20.17 -20.62 -14.31
N PHE F 36 -20.27 -20.26 -15.59
CA PHE F 36 -20.18 -21.24 -16.67
C PHE F 36 -18.88 -21.11 -17.43
N SER F 37 -18.73 -21.95 -18.44
CA SER F 37 -17.59 -21.88 -19.35
C SER F 37 -17.63 -20.58 -20.16
N GLY F 38 -16.46 -20.06 -20.48
CA GLY F 38 -16.35 -18.90 -21.36
C GLY F 38 -16.55 -17.56 -20.69
N GLY F 39 -16.29 -17.49 -19.40
CA GLY F 39 -16.39 -16.24 -18.67
C GLY F 39 -17.82 -15.73 -18.53
N ARG F 40 -18.78 -16.64 -18.69
CA ARG F 40 -20.19 -16.31 -18.51
C ARG F 40 -20.67 -16.69 -17.12
N ALA F 41 -21.67 -15.97 -16.63
CA ALA F 41 -22.31 -16.33 -15.39
C ALA F 41 -23.77 -15.89 -15.38
N VAL F 42 -24.56 -16.54 -14.55
CA VAL F 42 -25.92 -16.12 -14.28
C VAL F 42 -26.06 -15.86 -12.78
N VAL F 43 -26.60 -14.69 -12.43
CA VAL F 43 -26.73 -14.32 -11.02
C VAL F 43 -28.18 -14.01 -10.67
N GLU F 44 -28.70 -14.64 -9.62
CA GLU F 44 -30.02 -14.26 -9.14
C GLU F 44 -29.88 -13.40 -7.90
N PHE F 45 -30.41 -12.19 -7.97
CA PHE F 45 -30.37 -11.27 -6.84
C PHE F 45 -31.56 -11.49 -5.92
N VAL F 46 -31.46 -11.01 -4.69
CA VAL F 46 -32.48 -11.25 -3.68
C VAL F 46 -33.76 -10.50 -4.02
N THR F 47 -33.63 -9.23 -4.41
CA THR F 47 -34.79 -8.40 -4.75
C THR F 47 -34.56 -7.71 -6.09
N PRO F 48 -35.65 -7.23 -6.72
CA PRO F 48 -35.51 -6.40 -7.92
C PRO F 48 -34.62 -5.16 -7.70
N GLU F 49 -34.68 -4.56 -6.52
CA GLU F 49 -33.85 -3.38 -6.24
C GLU F 49 -32.37 -3.73 -6.36
N ASP F 50 -31.99 -4.88 -5.81
CA ASP F 50 -30.62 -5.35 -5.89
C ASP F 50 -30.17 -5.56 -7.33
N ALA F 51 -31.05 -6.15 -8.12
CA ALA F 51 -30.75 -6.38 -9.53
C ALA F 51 -30.58 -5.06 -10.26
N ALA F 52 -31.47 -4.09 -9.97
CA ALA F 52 -31.46 -2.79 -10.67
C ALA F 52 -30.21 -2.00 -10.32
N ARG F 53 -29.83 -2.02 -9.05
CA ARG F 53 -28.63 -1.34 -8.60
C ARG F 53 -27.38 -1.92 -9.24
N ALA F 54 -27.29 -3.25 -9.26
CA ALA F 54 -26.14 -3.93 -9.83
C ALA F 54 -25.99 -3.68 -11.33
N ILE F 55 -27.09 -3.78 -12.05
CA ILE F 55 -27.05 -3.67 -13.50
C ILE F 55 -26.71 -2.25 -13.93
N THR F 56 -26.92 -1.27 -13.04
CA THR F 56 -26.58 0.11 -13.36
C THR F 56 -25.26 0.58 -12.75
N GLU F 57 -24.89 0.02 -11.60
CA GLU F 57 -23.71 0.51 -10.89
C GLU F 57 -22.44 -0.27 -11.20
N LEU F 58 -22.58 -1.55 -11.55
CA LEU F 58 -21.42 -2.40 -11.79
C LEU F 58 -21.23 -2.74 -13.26
N GLN F 59 -21.94 -2.01 -14.12
CA GLN F 59 -21.78 -2.19 -15.55
C GLN F 59 -20.36 -1.80 -15.94
N ALA F 60 -19.72 -2.65 -16.75
CA ALA F 60 -18.33 -2.43 -17.17
C ALA F 60 -17.37 -2.28 -15.97
N SER F 61 -17.54 -3.12 -14.95
CA SER F 61 -16.67 -3.07 -13.77
C SER F 61 -15.52 -4.07 -13.85
N GLU F 62 -14.44 -3.77 -13.11
CA GLU F 62 -13.22 -4.57 -13.15
C GLU F 62 -13.27 -5.67 -12.10
N LEU F 63 -12.90 -6.88 -12.49
CA LEU F 63 -12.76 -7.97 -11.54
C LEU F 63 -11.65 -8.90 -12.01
N GLU F 64 -10.59 -8.94 -11.20
CA GLU F 64 -9.41 -9.76 -11.48
C GLU F 64 -8.87 -9.54 -12.91
N GLY F 65 -8.69 -8.27 -13.27
CA GLY F 65 -8.08 -7.90 -14.53
C GLY F 65 -9.02 -7.95 -15.72
N ALA F 66 -10.28 -8.30 -15.48
CA ALA F 66 -11.27 -8.43 -16.54
C ALA F 66 -12.35 -7.35 -16.41
N THR F 67 -12.89 -6.93 -17.54
CA THR F 67 -13.97 -5.95 -17.53
C THR F 67 -15.31 -6.66 -17.71
N LEU F 68 -16.16 -6.55 -16.68
CA LEU F 68 -17.41 -7.31 -16.63
C LEU F 68 -18.57 -6.56 -17.26
N PHE F 69 -19.42 -7.26 -17.99
CA PHE F 69 -20.65 -6.66 -18.48
C PHE F 69 -21.86 -7.45 -18.00
N LEU F 70 -22.96 -6.74 -17.75
CA LEU F 70 -24.17 -7.39 -17.25
C LEU F 70 -25.31 -7.17 -18.22
N ARG F 71 -26.24 -8.12 -18.27
CA ARG F 71 -27.34 -8.07 -19.22
C ARG F 71 -28.63 -8.64 -18.63
N SER G 2 -11.26 0.11 -31.65
CA SER G 2 -9.87 -0.34 -31.80
C SER G 2 -8.95 0.85 -32.12
N HIS G 3 -9.53 1.77 -32.86
CA HIS G 3 -9.06 3.09 -33.19
C HIS G 3 -9.15 3.82 -31.89
N MET G 4 -9.79 3.16 -30.96
CA MET G 4 -10.06 3.76 -29.67
C MET G 4 -8.95 3.43 -28.70
N ARG G 5 -8.09 2.48 -29.07
CA ARG G 5 -7.07 1.99 -28.17
C ARG G 5 -5.67 2.55 -28.34
N VAL G 6 -4.92 2.58 -27.24
CA VAL G 6 -3.53 3.03 -27.22
C VAL G 6 -2.70 2.05 -26.40
N GLN G 7 -1.56 1.64 -26.94
CA GLN G 7 -0.65 0.76 -26.23
C GLN G 7 0.43 1.60 -25.54
N VAL G 8 0.57 1.41 -24.23
CA VAL G 8 1.54 2.17 -23.45
C VAL G 8 2.64 1.24 -22.97
N SER G 9 3.89 1.66 -23.14
CA SER G 9 5.03 0.90 -22.65
C SER G 9 6.02 1.81 -21.92
N GLY G 10 6.91 1.20 -21.13
CA GLY G 10 7.94 1.93 -20.40
C GLY G 10 7.48 2.40 -19.03
N LEU G 11 6.31 1.95 -18.61
CA LEU G 11 5.76 2.37 -17.32
C LEU G 11 6.62 1.92 -16.14
N SER G 12 6.75 2.78 -15.14
CA SER G 12 7.36 2.38 -13.87
C SER G 12 6.55 1.25 -13.24
N ASP G 13 7.22 0.32 -12.58
CA ASP G 13 6.63 -0.84 -11.93
C ASP G 13 5.60 -0.44 -10.86
N GLU G 14 5.76 0.80 -10.37
CA GLU G 14 4.91 1.31 -9.30
C GLU G 14 3.63 1.96 -9.84
N THR G 15 3.60 2.22 -11.14
CA THR G 15 2.45 2.88 -11.76
C THR G 15 1.24 1.97 -11.79
N THR G 16 0.10 2.52 -11.35
CA THR G 16 -1.17 1.82 -11.38
C THR G 16 -2.07 2.39 -12.47
N TRP G 17 -3.11 1.64 -12.82
CA TRP G 17 -4.08 2.06 -13.85
C TRP G 17 -4.62 3.45 -13.56
N HIS G 18 -4.77 3.76 -12.27
CA HIS G 18 -5.36 5.01 -11.82
C HIS G 18 -4.46 6.20 -12.12
N THR G 19 -3.16 6.05 -11.86
CA THR G 19 -2.24 7.16 -12.06
C THR G 19 -1.97 7.34 -13.55
N LEU G 20 -2.02 6.24 -14.30
CA LEU G 20 -1.90 6.33 -15.76
C LEU G 20 -3.13 7.02 -16.36
N LYS G 21 -4.32 6.60 -15.92
CA LYS G 21 -5.56 7.17 -16.42
C LYS G 21 -5.60 8.69 -16.20
N ASP G 22 -5.20 9.12 -15.00
CA ASP G 22 -5.17 10.55 -14.69
C ASP G 22 -4.20 11.29 -15.61
N HIS G 23 -3.08 10.64 -15.88
CA HIS G 23 -2.04 11.18 -16.76
C HIS G 23 -2.58 11.41 -18.17
N LEU G 24 -3.20 10.40 -18.74
CA LEU G 24 -3.66 10.45 -20.13
C LEU G 24 -4.84 11.39 -20.32
N ARG G 25 -5.61 11.63 -19.25
CA ARG G 25 -6.77 12.49 -19.35
C ARG G 25 -6.41 13.94 -19.59
N GLN G 26 -5.11 14.24 -19.56
CA GLN G 26 -4.62 15.53 -20.03
C GLN G 26 -4.99 15.71 -21.50
N ALA G 27 -5.08 14.59 -22.21
CA ALA G 27 -5.26 14.61 -23.66
C ALA G 27 -6.67 14.26 -24.10
N GLY G 28 -7.26 13.26 -23.45
CA GLY G 28 -8.62 12.86 -23.79
C GLY G 28 -9.23 12.02 -22.69
N GLU G 29 -10.53 11.78 -22.77
CA GLU G 29 -11.21 11.01 -21.73
C GLU G 29 -11.03 9.52 -21.96
N VAL G 30 -10.68 8.83 -20.88
CA VAL G 30 -10.36 7.41 -20.92
C VAL G 30 -11.56 6.57 -20.48
N THR G 31 -11.93 5.58 -21.29
CA THR G 31 -13.01 4.68 -20.90
C THR G 31 -12.50 3.57 -19.99
N PHE G 32 -11.36 2.99 -20.35
CA PHE G 32 -10.77 1.90 -19.61
C PHE G 32 -9.26 1.97 -19.65
N CYS G 33 -8.62 1.50 -18.58
CA CYS G 33 -7.17 1.55 -18.48
C CYS G 33 -6.66 0.32 -17.74
N LYS G 34 -6.05 -0.59 -18.49
CA LYS G 34 -5.51 -1.80 -17.86
C LYS G 34 -3.99 -1.82 -17.90
N VAL G 35 -3.42 -2.07 -16.73
CA VAL G 35 -1.97 -2.16 -16.59
C VAL G 35 -1.54 -3.62 -16.45
N PHE G 36 -0.54 -4.02 -17.23
CA PHE G 36 -0.03 -5.38 -17.18
C PHE G 36 1.38 -5.39 -16.60
N SER G 37 1.99 -6.57 -16.57
CA SER G 37 3.37 -6.71 -16.13
C SER G 37 4.30 -6.16 -17.19
N GLY G 38 5.53 -5.83 -16.79
CA GLY G 38 6.53 -5.34 -17.72
C GLY G 38 6.29 -3.92 -18.19
N GLY G 39 5.68 -3.11 -17.34
CA GLY G 39 5.46 -1.70 -17.62
C GLY G 39 4.60 -1.48 -18.85
N ARG G 40 3.69 -2.41 -19.12
CA ARG G 40 2.84 -2.35 -20.29
C ARG G 40 1.39 -2.04 -19.91
N ALA G 41 0.69 -1.29 -20.74
CA ALA G 41 -0.72 -1.01 -20.50
C ALA G 41 -1.51 -0.87 -21.78
N VAL G 42 -2.80 -1.15 -21.70
CA VAL G 42 -3.71 -0.91 -22.82
C VAL G 42 -4.82 0.01 -22.35
N VAL G 43 -5.03 1.09 -23.09
CA VAL G 43 -5.96 2.12 -22.68
C VAL G 43 -6.94 2.42 -23.80
N GLU G 44 -8.23 2.44 -23.47
CA GLU G 44 -9.24 2.79 -24.45
C GLU G 44 -9.82 4.16 -24.13
N PHE G 45 -10.03 4.96 -25.17
CA PHE G 45 -10.54 6.32 -25.02
C PHE G 45 -11.98 6.41 -25.53
N VAL G 46 -12.62 7.53 -25.26
CA VAL G 46 -14.01 7.75 -25.66
C VAL G 46 -14.15 7.82 -27.18
N THR G 47 -13.19 8.47 -27.83
CA THR G 47 -13.23 8.66 -29.27
C THR G 47 -11.88 8.31 -29.91
N PRO G 48 -11.87 8.06 -31.23
CA PRO G 48 -10.56 7.83 -31.86
C PRO G 48 -9.65 9.07 -31.83
N GLU G 49 -10.22 10.26 -31.89
CA GLU G 49 -9.40 11.47 -31.88
C GLU G 49 -8.74 11.70 -30.51
N ASP G 50 -9.41 11.29 -29.43
CA ASP G 50 -8.79 11.36 -28.10
C ASP G 50 -7.54 10.48 -28.01
N ALA G 51 -7.68 9.25 -28.48
CA ALA G 51 -6.57 8.30 -28.54
C ALA G 51 -5.42 8.88 -29.35
N ALA G 52 -5.75 9.34 -30.56
CA ALA G 52 -4.79 9.97 -31.45
C ALA G 52 -4.13 11.19 -30.80
N ARG G 53 -4.91 12.00 -30.11
CA ARG G 53 -4.37 13.18 -29.46
C ARG G 53 -3.38 12.78 -28.35
N ALA G 54 -3.72 11.75 -27.59
CA ALA G 54 -2.83 11.27 -26.53
C ALA G 54 -1.48 10.84 -27.07
N ILE G 55 -1.48 10.13 -28.19
CA ILE G 55 -0.25 9.64 -28.78
C ILE G 55 0.67 10.75 -29.29
N THR G 56 0.11 11.79 -29.89
CA THR G 56 0.96 12.83 -30.46
C THR G 56 1.35 13.91 -29.44
N GLU G 57 0.55 14.06 -28.39
CA GLU G 57 0.81 15.11 -27.38
C GLU G 57 1.52 14.59 -26.12
N LEU G 58 1.36 13.31 -25.82
CA LEU G 58 1.95 12.74 -24.61
C LEU G 58 3.02 11.72 -24.93
N GLN G 59 3.48 11.71 -26.18
CA GLN G 59 4.59 10.84 -26.55
C GLN G 59 5.83 11.25 -25.77
N ALA G 60 6.55 10.27 -25.24
CA ALA G 60 7.74 10.51 -24.43
C ALA G 60 7.47 11.42 -23.23
N SER G 61 6.23 11.40 -22.73
CA SER G 61 5.92 12.17 -21.53
C SER G 61 6.39 11.39 -20.31
N GLU G 62 6.55 12.08 -19.19
CA GLU G 62 7.08 11.46 -17.99
C GLU G 62 5.97 11.20 -16.98
N LEU G 63 5.90 9.97 -16.47
CA LEU G 63 4.96 9.63 -15.41
C LEU G 63 5.67 8.82 -14.33
N GLU G 64 5.76 9.39 -13.13
CA GLU G 64 6.42 8.76 -12.00
C GLU G 64 7.84 8.31 -12.36
N GLY G 65 8.59 9.21 -12.99
CA GLY G 65 9.99 8.97 -13.29
C GLY G 65 10.25 8.24 -14.61
N ALA G 66 9.18 7.74 -15.23
CA ALA G 66 9.35 6.93 -16.44
C ALA G 66 8.93 7.68 -17.70
N THR G 67 9.71 7.52 -18.76
CA THR G 67 9.39 8.13 -20.05
C THR G 67 8.54 7.15 -20.84
N LEU G 68 7.35 7.57 -21.24
CA LEU G 68 6.38 6.67 -21.85
C LEU G 68 6.43 6.62 -23.37
N PHE G 69 6.18 5.43 -23.92
CA PHE G 69 6.04 5.23 -25.35
C PHE G 69 4.59 4.85 -25.67
N LEU G 70 3.95 5.60 -26.56
CA LEU G 70 2.55 5.38 -26.90
C LEU G 70 2.40 5.03 -28.37
N ARG G 71 1.61 4.00 -28.68
CA ARG G 71 1.36 3.62 -30.06
C ARG G 71 -0.05 3.07 -30.27
N GLY H 1 6.57 -15.93 26.69
CA GLY H 1 5.75 -16.55 25.67
C GLY H 1 4.81 -15.54 25.01
N SER H 2 5.06 -14.26 25.25
CA SER H 2 4.19 -13.21 24.73
C SER H 2 4.65 -12.63 23.40
N HIS H 3 5.18 -13.47 22.51
CA HIS H 3 5.60 -13.01 21.19
C HIS H 3 4.36 -12.61 20.38
N MET H 4 4.47 -11.52 19.63
CA MET H 4 3.32 -10.97 18.92
C MET H 4 3.60 -10.76 17.44
N ARG H 5 2.68 -11.22 16.60
CA ARG H 5 2.87 -11.20 15.15
C ARG H 5 2.24 -9.98 14.47
N VAL H 6 2.94 -9.44 13.48
CA VAL H 6 2.43 -8.34 12.68
C VAL H 6 2.67 -8.66 11.21
N GLN H 7 1.67 -8.41 10.36
CA GLN H 7 1.80 -8.55 8.91
C GLN H 7 2.27 -7.26 8.28
N VAL H 8 3.13 -7.36 7.27
CA VAL H 8 3.66 -6.18 6.58
C VAL H 8 3.34 -6.28 5.09
N SER H 9 2.91 -5.19 4.49
CA SER H 9 2.79 -5.13 3.02
C SER H 9 3.25 -3.76 2.49
N GLY H 10 3.38 -3.66 1.18
CA GLY H 10 3.85 -2.42 0.56
C GLY H 10 5.36 -2.36 0.39
N LEU H 11 6.06 -3.43 0.75
CA LEU H 11 7.52 -3.45 0.68
C LEU H 11 8.02 -3.25 -0.74
N SER H 12 9.11 -2.50 -0.87
CA SER H 12 9.84 -2.44 -2.13
C SER H 12 10.35 -3.84 -2.48
N ASP H 13 10.34 -4.17 -3.76
CA ASP H 13 10.83 -5.47 -4.23
C ASP H 13 12.26 -5.77 -3.80
N GLU H 14 13.04 -4.73 -3.52
CA GLU H 14 14.44 -4.95 -3.17
C GLU H 14 14.67 -5.14 -1.67
N THR H 15 13.63 -4.93 -0.87
CA THR H 15 13.80 -4.99 0.59
C THR H 15 13.92 -6.42 1.10
N THR H 16 14.94 -6.68 1.91
CA THR H 16 15.16 -8.02 2.48
C THR H 16 14.67 -8.09 3.92
N TRP H 17 14.59 -9.29 4.47
CA TRP H 17 14.16 -9.44 5.87
C TRP H 17 15.13 -8.75 6.81
N HIS H 18 16.41 -8.74 6.47
CA HIS H 18 17.43 -8.05 7.26
C HIS H 18 17.15 -6.56 7.38
N THR H 19 16.91 -5.94 6.24
CA THR H 19 16.59 -4.52 6.19
C THR H 19 15.30 -4.20 6.93
N LEU H 20 14.27 -5.01 6.68
CA LEU H 20 12.99 -4.83 7.36
C LEU H 20 13.16 -4.98 8.87
N LYS H 21 13.89 -6.01 9.30
CA LYS H 21 14.12 -6.23 10.72
C LYS H 21 14.81 -5.03 11.38
N ASP H 22 15.87 -4.53 10.75
CA ASP H 22 16.55 -3.33 11.25
C ASP H 22 15.63 -2.12 11.33
N HIS H 23 14.79 -1.94 10.32
CA HIS H 23 13.83 -0.84 10.32
C HIS H 23 12.85 -0.92 11.51
N LEU H 24 12.26 -2.09 11.71
CA LEU H 24 11.25 -2.24 12.75
C LEU H 24 11.85 -2.24 14.16
N ARG H 25 13.10 -2.69 14.27
CA ARG H 25 13.82 -2.71 15.55
C ARG H 25 14.04 -1.31 16.13
N GLN H 26 13.87 -0.30 15.29
CA GLN H 26 13.89 1.07 15.78
C GLN H 26 12.81 1.35 16.82
N ALA H 27 11.76 0.54 16.79
CA ALA H 27 10.59 0.73 17.67
C ALA H 27 10.43 -0.40 18.67
N GLY H 28 10.62 -1.64 18.22
CA GLY H 28 10.43 -2.77 19.11
C GLY H 28 11.28 -3.96 18.70
N GLU H 29 11.65 -4.78 19.68
CA GLU H 29 12.58 -5.88 19.41
C GLU H 29 11.90 -6.99 18.61
N VAL H 30 12.62 -7.47 17.59
CA VAL H 30 12.10 -8.43 16.63
C VAL H 30 12.72 -9.82 16.84
N THR H 31 11.88 -10.85 16.92
CA THR H 31 12.37 -12.22 17.10
C THR H 31 12.50 -12.96 15.79
N PHE H 32 11.59 -12.66 14.86
CA PHE H 32 11.48 -13.40 13.61
C PHE H 32 11.04 -12.42 12.53
N CYS H 33 11.58 -12.57 11.33
CA CYS H 33 11.20 -11.70 10.21
C CYS H 33 11.44 -12.44 8.90
N LYS H 34 10.39 -12.56 8.10
CA LYS H 34 10.50 -13.27 6.83
C LYS H 34 9.74 -12.53 5.73
N VAL H 35 10.42 -12.31 4.61
CA VAL H 35 9.85 -11.56 3.50
C VAL H 35 9.50 -12.49 2.35
N PHE H 36 8.33 -12.30 1.79
CA PHE H 36 7.85 -13.12 0.69
C PHE H 36 7.68 -12.26 -0.55
N SER H 37 7.32 -12.88 -1.68
CA SER H 37 7.12 -12.15 -2.92
C SER H 37 5.95 -11.17 -2.79
N GLY H 38 5.88 -10.19 -3.67
CA GLY H 38 4.78 -9.25 -3.68
C GLY H 38 4.80 -8.22 -2.55
N GLY H 39 5.97 -7.99 -1.98
CA GLY H 39 6.16 -6.96 -0.98
C GLY H 39 5.48 -7.24 0.36
N ARG H 40 5.23 -8.52 0.62
CA ARG H 40 4.58 -8.94 1.86
C ARG H 40 5.59 -9.64 2.76
N ALA H 41 5.35 -9.53 4.06
CA ALA H 41 6.23 -10.09 5.07
C ALA H 41 5.48 -10.39 6.36
N VAL H 42 6.08 -11.24 7.19
CA VAL H 42 5.55 -11.47 8.53
C VAL H 42 6.68 -11.22 9.56
N VAL H 43 6.32 -10.61 10.69
CA VAL H 43 7.31 -10.25 11.68
C VAL H 43 6.76 -10.57 13.08
N GLU H 44 7.62 -11.05 13.96
CA GLU H 44 7.25 -11.22 15.36
C GLU H 44 8.06 -10.32 16.28
N PHE H 45 7.37 -9.74 17.25
CA PHE H 45 8.02 -8.91 18.24
C PHE H 45 8.06 -9.67 19.56
N VAL H 46 9.07 -9.40 20.37
CA VAL H 46 9.25 -10.10 21.65
C VAL H 46 8.04 -9.98 22.57
N THR H 47 7.54 -8.76 22.76
CA THR H 47 6.41 -8.51 23.64
C THR H 47 5.30 -7.75 22.93
N PRO H 48 4.08 -7.76 23.50
CA PRO H 48 3.00 -6.91 23.00
C PRO H 48 3.37 -5.43 23.03
N GLU H 49 4.14 -5.00 24.03
CA GLU H 49 4.58 -3.61 24.06
C GLU H 49 5.37 -3.29 22.80
N ASP H 50 6.29 -4.18 22.43
CA ASP H 50 7.12 -3.96 21.25
C ASP H 50 6.28 -3.84 19.99
N ALA H 51 5.30 -4.72 19.84
CA ALA H 51 4.40 -4.66 18.70
C ALA H 51 3.63 -3.35 18.69
N ALA H 52 3.13 -2.94 19.86
CA ALA H 52 2.39 -1.68 19.96
C ALA H 52 3.26 -0.47 19.64
N ARG H 53 4.56 -0.56 19.96
CA ARG H 53 5.47 0.53 19.64
C ARG H 53 5.69 0.62 18.13
N ALA H 54 5.82 -0.55 17.51
CA ALA H 54 6.02 -0.61 16.06
C ALA H 54 4.79 -0.09 15.33
N ILE H 55 3.60 -0.46 15.79
CA ILE H 55 2.38 -0.02 15.15
C ILE H 55 2.21 1.50 15.32
N THR H 56 2.35 2.00 16.54
CA THR H 56 2.19 3.42 16.79
C THR H 56 3.25 4.28 16.11
N GLU H 57 4.50 3.82 16.09
CA GLU H 57 5.60 4.68 15.65
C GLU H 57 5.98 4.46 14.19
N LEU H 58 5.69 3.29 13.63
CA LEU H 58 6.18 2.97 12.30
C LEU H 58 5.08 2.64 11.27
N GLN H 59 3.81 2.82 11.64
CA GLN H 59 2.76 2.66 10.66
C GLN H 59 2.92 3.72 9.58
N ALA H 60 2.72 3.33 8.32
CA ALA H 60 2.93 4.19 7.15
C ALA H 60 4.32 4.81 7.12
N SER H 61 5.29 4.18 7.78
CA SER H 61 6.67 4.66 7.68
C SER H 61 7.24 4.31 6.31
N GLU H 62 8.35 4.96 5.97
CA GLU H 62 9.00 4.80 4.68
C GLU H 62 10.26 3.95 4.79
N LEU H 63 10.34 2.90 3.99
CA LEU H 63 11.53 2.06 3.98
C LEU H 63 11.95 1.81 2.53
N GLU H 64 13.15 2.29 2.19
CA GLU H 64 13.69 2.17 0.83
C GLU H 64 12.68 2.64 -0.22
N GLY H 65 12.09 3.80 0.05
CA GLY H 65 11.19 4.44 -0.90
C GLY H 65 9.75 3.99 -0.80
N ALA H 66 9.47 3.00 0.04
CA ALA H 66 8.13 2.41 0.10
C ALA H 66 7.40 2.74 1.40
N THR H 67 6.10 3.02 1.28
CA THR H 67 5.26 3.28 2.45
C THR H 67 4.69 1.97 2.98
N LEU H 68 5.05 1.60 4.20
CA LEU H 68 4.68 0.30 4.73
C LEU H 68 3.29 0.31 5.36
N PHE H 69 2.58 -0.79 5.21
CA PHE H 69 1.29 -0.97 5.86
C PHE H 69 1.42 -2.12 6.85
N LEU H 70 1.23 -1.81 8.13
CA LEU H 70 1.41 -2.80 9.19
C LEU H 70 0.06 -3.20 9.75
N ARG H 71 -0.13 -4.48 10.03
CA ARG H 71 -1.37 -4.92 10.64
C ARG H 71 -1.14 -6.05 11.63
N SER I 2 25.40 -2.97 5.48
CA SER I 2 24.25 -2.26 6.04
C SER I 2 24.67 -1.32 7.15
N HIS I 3 25.74 -1.69 7.87
CA HIS I 3 26.31 -0.82 8.88
C HIS I 3 27.17 0.24 8.22
N MET I 4 27.51 0.01 6.96
CA MET I 4 28.29 0.96 6.18
C MET I 4 27.39 1.87 5.36
N ARG I 5 26.08 1.71 5.52
CA ARG I 5 25.11 2.38 4.67
C ARG I 5 24.51 3.64 5.29
N VAL I 6 24.28 4.65 4.45
CA VAL I 6 23.66 5.90 4.90
C VAL I 6 22.57 6.34 3.93
N GLN I 7 21.40 6.67 4.47
CA GLN I 7 20.31 7.19 3.67
C GLN I 7 20.37 8.71 3.63
N VAL I 8 20.30 9.28 2.43
CA VAL I 8 20.40 10.72 2.27
C VAL I 8 19.11 11.26 1.68
N SER I 9 18.57 12.32 2.26
CA SER I 9 17.40 12.97 1.69
C SER I 9 17.62 14.49 1.60
N GLY I 10 16.78 15.16 0.82
CA GLY I 10 16.84 16.61 0.69
C GLY I 10 17.72 17.13 -0.44
N LEU I 11 18.23 16.23 -1.28
CA LEU I 11 19.14 16.62 -2.36
C LEU I 11 18.48 17.55 -3.37
N SER I 12 19.27 18.41 -3.98
CA SER I 12 18.80 19.19 -5.13
C SER I 12 18.46 18.24 -6.29
N ASP I 13 17.45 18.58 -7.08
CA ASP I 13 17.13 17.78 -8.27
C ASP I 13 18.31 17.72 -9.25
N GLU I 14 19.19 18.71 -9.13
CA GLU I 14 20.37 18.82 -10.00
C GLU I 14 21.50 17.89 -9.56
N THR I 15 21.53 17.54 -8.29
CA THR I 15 22.67 16.82 -7.71
C THR I 15 22.79 15.40 -8.25
N THR I 16 23.99 15.06 -8.72
CA THR I 16 24.30 13.72 -9.21
C THR I 16 25.06 12.95 -8.16
N TRP I 17 25.26 11.65 -8.40
CA TRP I 17 25.93 10.81 -7.41
C TRP I 17 27.41 11.18 -7.28
N HIS I 18 27.98 11.75 -8.34
CA HIS I 18 29.39 12.18 -8.29
C HIS I 18 29.57 13.29 -7.28
N THR I 19 28.71 14.29 -7.37
CA THR I 19 28.78 15.45 -6.51
C THR I 19 28.51 15.07 -5.05
N LEU I 20 27.57 14.16 -4.86
CA LEU I 20 27.24 13.70 -3.51
C LEU I 20 28.37 12.89 -2.91
N LYS I 21 28.98 12.02 -3.73
CA LYS I 21 30.10 11.21 -3.28
C LYS I 21 31.29 12.06 -2.86
N ASP I 22 31.62 13.06 -3.65
CA ASP I 22 32.72 13.96 -3.34
C ASP I 22 32.42 14.73 -2.05
N HIS I 23 31.15 15.06 -1.85
CA HIS I 23 30.72 15.75 -0.63
C HIS I 23 30.96 14.89 0.61
N LEU I 24 30.48 13.65 0.58
CA LEU I 24 30.54 12.76 1.73
C LEU I 24 31.96 12.27 1.97
N ARG I 25 32.81 12.33 0.95
CA ARG I 25 34.21 11.94 1.09
C ARG I 25 34.95 12.81 2.11
N GLN I 26 34.40 13.98 2.39
CA GLN I 26 34.90 14.83 3.46
C GLN I 26 34.99 14.08 4.79
N ALA I 27 34.07 13.13 4.98
CA ALA I 27 33.96 12.47 6.27
C ALA I 27 34.46 11.03 6.21
N GLY I 28 34.47 10.43 5.04
CA GLY I 28 34.95 9.06 4.90
C GLY I 28 34.83 8.52 3.50
N GLU I 29 35.53 7.42 3.24
CA GLU I 29 35.58 6.84 1.90
C GLU I 29 34.28 6.15 1.49
N VAL I 30 33.73 6.58 0.36
CA VAL I 30 32.50 6.02 -0.18
C VAL I 30 32.81 4.89 -1.16
N THR I 31 32.09 3.77 -1.03
CA THR I 31 32.30 2.63 -1.92
C THR I 31 31.25 2.61 -3.02
N PHE I 32 30.08 3.17 -2.71
CA PHE I 32 28.99 3.22 -3.67
C PHE I 32 28.01 4.30 -3.28
N CYS I 33 27.50 5.01 -4.28
CA CYS I 33 26.62 6.14 -4.06
C CYS I 33 25.57 6.19 -5.15
N LYS I 34 24.33 5.84 -4.82
CA LYS I 34 23.26 5.86 -5.80
C LYS I 34 22.24 6.94 -5.47
N VAL I 35 21.93 7.78 -6.46
CA VAL I 35 20.93 8.81 -6.31
C VAL I 35 19.62 8.35 -6.94
N PHE I 36 18.52 8.54 -6.23
CA PHE I 36 17.20 8.24 -6.76
C PHE I 36 16.43 9.52 -7.04
N SER I 37 15.21 9.37 -7.56
CA SER I 37 14.32 10.51 -7.74
C SER I 37 13.85 10.99 -6.38
N GLY I 38 13.36 12.22 -6.32
CA GLY I 38 12.82 12.77 -5.09
C GLY I 38 13.89 13.19 -4.10
N GLY I 39 15.07 13.47 -4.61
CA GLY I 39 16.17 13.98 -3.79
C GLY I 39 16.69 12.98 -2.78
N ARG I 40 16.48 11.70 -3.05
CA ARG I 40 16.94 10.63 -2.16
C ARG I 40 18.16 9.92 -2.71
N ALA I 41 18.96 9.36 -1.80
CA ALA I 41 20.15 8.62 -2.19
C ALA I 41 20.54 7.61 -1.13
N VAL I 42 21.25 6.58 -1.57
CA VAL I 42 21.81 5.59 -0.67
C VAL I 42 23.31 5.54 -0.86
N VAL I 43 24.04 5.69 0.23
CA VAL I 43 25.49 5.75 0.14
C VAL I 43 26.10 4.69 1.05
N GLU I 44 27.06 3.95 0.52
CA GLU I 44 27.74 2.94 1.30
C GLU I 44 29.19 3.34 1.48
N PHE I 45 29.70 3.22 2.70
CA PHE I 45 31.08 3.58 3.00
C PHE I 45 31.90 2.31 3.15
N VAL I 46 33.22 2.47 3.32
CA VAL I 46 34.09 1.30 3.46
C VAL I 46 33.89 0.66 4.83
N THR I 47 33.75 1.50 5.84
CA THR I 47 33.68 1.04 7.22
C THR I 47 32.46 1.65 7.91
N PRO I 48 31.97 1.01 8.99
CA PRO I 48 30.84 1.61 9.72
C PRO I 48 31.22 2.91 10.43
N GLU I 49 32.49 3.05 10.81
CA GLU I 49 32.96 4.31 11.40
C GLU I 49 32.81 5.49 10.48
N ASP I 50 33.17 5.30 9.22
CA ASP I 50 33.09 6.36 8.23
C ASP I 50 31.64 6.74 7.96
N ALA I 51 30.77 5.74 7.88
CA ALA I 51 29.32 5.98 7.80
C ALA I 51 28.85 6.78 9.01
N ALA I 52 29.20 6.31 10.20
CA ALA I 52 28.83 6.98 11.44
C ALA I 52 29.40 8.39 11.52
N ARG I 53 30.63 8.55 11.06
CA ARG I 53 31.29 9.85 11.05
C ARG I 53 30.59 10.81 10.11
N ALA I 54 30.22 10.34 8.92
CA ALA I 54 29.50 11.18 7.96
C ALA I 54 28.19 11.67 8.55
N ILE I 55 27.48 10.78 9.24
CA ILE I 55 26.18 11.15 9.79
C ILE I 55 26.32 12.22 10.86
N THR I 56 27.35 12.14 11.69
CA THR I 56 27.47 13.13 12.76
C THR I 56 28.17 14.41 12.29
N GLU I 57 29.08 14.32 11.33
CA GLU I 57 29.83 15.48 10.86
C GLU I 57 29.16 16.25 9.71
N LEU I 58 28.31 15.58 8.93
CA LEU I 58 27.73 16.20 7.75
C LEU I 58 26.19 16.30 7.85
N GLN I 59 25.65 16.04 9.03
CA GLN I 59 24.24 16.29 9.26
C GLN I 59 23.91 17.76 9.00
N ALA I 60 22.83 18.01 8.24
CA ALA I 60 22.40 19.36 7.87
C ALA I 60 23.46 20.14 7.11
N SER I 61 24.36 19.44 6.43
CA SER I 61 25.37 20.10 5.61
C SER I 61 24.72 20.59 4.32
N GLU I 62 25.39 21.51 3.63
CA GLU I 62 24.78 22.11 2.46
C GLU I 62 25.49 21.64 1.20
N LEU I 63 24.69 21.25 0.21
CA LEU I 63 25.24 20.74 -1.04
C LEU I 63 24.41 21.26 -2.21
N GLU I 64 25.04 22.05 -3.06
CA GLU I 64 24.37 22.69 -4.20
C GLU I 64 23.07 23.37 -3.79
N GLY I 65 23.13 24.14 -2.71
CA GLY I 65 21.99 24.92 -2.26
C GLY I 65 21.06 24.20 -1.31
N ALA I 66 21.26 22.90 -1.14
CA ALA I 66 20.32 22.09 -0.35
C ALA I 66 20.92 21.60 0.98
N THR I 67 20.11 21.70 2.03
CA THR I 67 20.45 21.16 3.35
C THR I 67 20.11 19.68 3.42
N LEU I 68 21.08 18.84 3.74
CA LEU I 68 20.91 17.39 3.66
C LEU I 68 20.57 16.75 5.01
N PHE I 69 19.79 15.69 4.96
CA PHE I 69 19.44 14.89 6.13
C PHE I 69 20.03 13.49 5.95
N LEU I 70 20.83 13.07 6.92
CA LEU I 70 21.55 11.79 6.86
C LEU I 70 21.08 10.88 7.97
N ARG I 71 20.81 9.61 7.65
CA ARG I 71 20.39 8.67 8.69
C ARG I 71 20.83 7.24 8.35
N GLY J 1 5.33 14.05 -1.66
CA GLY J 1 6.00 14.91 -0.69
C GLY J 1 7.31 14.33 -0.21
N SER J 2 7.99 15.05 0.67
CA SER J 2 9.23 14.57 1.26
C SER J 2 9.19 14.70 2.78
N HIS J 3 8.05 14.36 3.37
CA HIS J 3 7.92 14.42 4.83
C HIS J 3 8.85 13.39 5.48
N MET J 4 9.51 13.79 6.56
CA MET J 4 10.51 12.92 7.18
C MET J 4 10.13 12.61 8.62
N ARG J 5 10.12 11.32 8.95
CA ARG J 5 9.66 10.89 10.27
C ARG J 5 10.80 10.79 11.28
N VAL J 6 10.55 11.28 12.50
CA VAL J 6 11.52 11.18 13.59
C VAL J 6 10.83 10.58 14.82
N GLN J 7 11.52 9.68 15.50
CA GLN J 7 11.04 9.12 16.78
C GLN J 7 11.55 9.94 17.96
N VAL J 8 10.71 10.10 18.98
CA VAL J 8 11.12 10.83 20.17
C VAL J 8 10.90 9.96 21.40
N SER J 9 11.89 9.91 22.29
CA SER J 9 11.70 9.24 23.57
C SER J 9 12.30 10.07 24.71
N GLY J 10 11.90 9.76 25.95
CA GLY J 10 12.37 10.47 27.12
C GLY J 10 11.47 11.60 27.60
N LEU J 11 10.30 11.73 26.97
CA LEU J 11 9.37 12.81 27.33
C LEU J 11 8.90 12.68 28.77
N SER J 12 8.67 13.81 29.42
CA SER J 12 7.95 13.82 30.69
C SER J 12 6.54 13.27 30.46
N ASP J 13 6.02 12.57 31.46
CA ASP J 13 4.71 11.94 31.35
C ASP J 13 3.57 12.94 31.14
N GLU J 14 3.85 14.22 31.35
CA GLU J 14 2.78 15.20 31.19
C GLU J 14 2.88 16.01 29.89
N THR J 15 3.93 15.80 29.11
CA THR J 15 4.08 16.52 27.84
C THR J 15 3.05 16.05 26.81
N THR J 16 2.38 17.00 26.16
CA THR J 16 1.38 16.69 25.14
C THR J 16 1.97 16.87 23.74
N TRP J 17 1.25 16.41 22.73
CA TRP J 17 1.72 16.52 21.36
C TRP J 17 1.86 17.99 20.97
N HIS J 18 1.02 18.85 21.51
CA HIS J 18 1.09 20.25 21.13
C HIS J 18 2.32 20.91 21.73
N THR J 19 2.64 20.53 22.96
CA THR J 19 3.83 21.06 23.61
C THR J 19 5.09 20.57 22.89
N LEU J 20 5.11 19.29 22.56
CA LEU J 20 6.23 18.73 21.82
C LEU J 20 6.32 19.36 20.41
N LYS J 21 5.17 19.56 19.79
CA LYS J 21 5.14 20.20 18.48
C LYS J 21 5.75 21.60 18.51
N ASP J 22 5.37 22.40 19.51
CA ASP J 22 5.90 23.75 19.63
C ASP J 22 7.40 23.74 19.91
N HIS J 23 7.85 22.76 20.69
CA HIS J 23 9.27 22.61 20.97
C HIS J 23 10.08 22.32 19.69
N LEU J 24 9.62 21.35 18.90
CA LEU J 24 10.37 20.95 17.71
C LEU J 24 10.34 22.02 16.64
N ARG J 25 9.24 22.77 16.61
CA ARG J 25 9.07 23.88 15.68
C ARG J 25 10.16 24.94 15.81
N GLN J 26 10.82 24.98 16.96
CA GLN J 26 11.95 25.89 17.16
C GLN J 26 13.08 25.61 16.17
N ALA J 27 13.10 24.39 15.64
CA ALA J 27 14.13 24.00 14.68
C ALA J 27 13.59 23.78 13.27
N GLY J 28 12.44 23.14 13.14
CA GLY J 28 11.90 22.85 11.83
C GLY J 28 10.40 22.63 11.83
N GLU J 29 9.76 22.88 10.69
CA GLU J 29 8.32 22.80 10.60
C GLU J 29 7.82 21.36 10.68
N VAL J 30 6.71 21.18 11.40
CA VAL J 30 6.14 19.86 11.67
C VAL J 30 4.79 19.68 10.96
N THR J 31 4.56 18.50 10.40
CA THR J 31 3.24 18.20 9.85
C THR J 31 2.32 17.64 10.95
N PHE J 32 2.69 16.51 11.54
CA PHE J 32 1.90 16.00 12.65
C PHE J 32 2.79 15.55 13.80
N CYS J 33 2.20 15.45 14.97
CA CYS J 33 2.89 15.01 16.16
C CYS J 33 1.94 14.17 17.03
N LYS J 34 2.32 12.93 17.31
CA LYS J 34 1.51 12.08 18.18
C LYS J 34 2.34 11.59 19.36
N VAL J 35 1.78 11.69 20.56
CA VAL J 35 2.44 11.24 21.76
C VAL J 35 1.73 10.00 22.33
N PHE J 36 2.52 9.00 22.68
CA PHE J 36 1.98 7.78 23.26
C PHE J 36 2.49 7.66 24.71
N SER J 37 2.00 6.67 25.44
CA SER J 37 2.39 6.52 26.83
C SER J 37 3.87 6.15 26.92
N GLY J 38 4.47 6.36 28.08
CA GLY J 38 5.84 5.97 28.31
C GLY J 38 6.85 6.95 27.77
N GLY J 39 6.40 8.18 27.53
CA GLY J 39 7.28 9.25 27.09
C GLY J 39 7.82 9.11 25.67
N ARG J 40 7.08 8.39 24.84
CA ARG J 40 7.48 8.17 23.45
C ARG J 40 6.52 8.83 22.48
N ALA J 41 7.04 9.25 21.34
CA ALA J 41 6.26 9.98 20.35
C ALA J 41 6.77 9.78 18.94
N VAL J 42 5.95 10.17 17.97
CA VAL J 42 6.39 10.15 16.59
C VAL J 42 6.00 11.47 15.94
N VAL J 43 6.88 11.99 15.08
CA VAL J 43 6.70 13.30 14.50
C VAL J 43 7.10 13.23 13.03
N GLU J 44 6.43 13.98 12.17
CA GLU J 44 6.97 14.15 10.82
C GLU J 44 7.22 15.62 10.53
N PHE J 45 8.34 15.86 9.84
CA PHE J 45 8.74 17.19 9.45
C PHE J 45 8.40 17.40 7.99
N VAL J 46 8.12 18.65 7.62
CA VAL J 46 7.69 18.95 6.27
C VAL J 46 8.76 18.58 5.26
N THR J 47 10.01 18.92 5.55
CA THR J 47 11.10 18.66 4.61
C THR J 47 12.24 17.93 5.30
N PRO J 48 13.10 17.27 4.50
CA PRO J 48 14.33 16.70 5.06
C PRO J 48 15.15 17.78 5.76
N GLU J 49 15.15 19.01 5.24
CA GLU J 49 15.88 20.09 5.87
C GLU J 49 15.38 20.32 7.30
N ASP J 50 14.06 20.34 7.46
CA ASP J 50 13.47 20.51 8.79
C ASP J 50 13.90 19.42 9.75
N ALA J 51 13.93 18.18 9.29
CA ALA J 51 14.33 17.07 10.15
C ALA J 51 15.79 17.21 10.55
N ALA J 52 16.64 17.58 9.60
CA ALA J 52 18.08 17.74 9.87
C ALA J 52 18.33 18.81 10.93
N ARG J 53 17.56 19.89 10.85
CA ARG J 53 17.67 21.00 11.80
C ARG J 53 17.25 20.59 13.21
N ALA J 54 16.17 19.82 13.31
CA ALA J 54 15.73 19.33 14.61
C ALA J 54 16.74 18.37 15.22
N ILE J 55 17.25 17.45 14.41
CA ILE J 55 18.27 16.51 14.89
C ILE J 55 19.54 17.23 15.37
N THR J 56 20.04 18.19 14.59
CA THR J 56 21.29 18.87 14.96
C THR J 56 21.14 19.79 16.17
N GLU J 57 20.05 20.53 16.22
CA GLU J 57 19.88 21.57 17.23
C GLU J 57 19.10 21.14 18.48
N LEU J 58 18.29 20.10 18.36
CA LEU J 58 17.41 19.72 19.46
C LEU J 58 17.65 18.31 20.02
N GLN J 59 18.66 17.61 19.51
CA GLN J 59 19.05 16.33 20.12
C GLN J 59 19.50 16.57 21.55
N ALA J 60 18.98 15.77 22.48
CA ALA J 60 19.24 15.93 23.91
C ALA J 60 18.82 17.30 24.44
N SER J 61 17.89 17.96 23.75
CA SER J 61 17.35 19.21 24.25
C SER J 61 16.46 18.92 25.46
N GLU J 62 16.07 19.97 26.19
CA GLU J 62 15.26 19.77 27.39
C GLU J 62 13.85 20.30 27.18
N LEU J 63 12.86 19.51 27.60
CA LEU J 63 11.48 19.90 27.45
C LEU J 63 10.70 19.50 28.69
N GLU J 64 10.14 20.50 29.37
CA GLU J 64 9.43 20.31 30.64
C GLU J 64 10.21 19.41 31.59
N GLY J 65 11.51 19.70 31.71
CA GLY J 65 12.36 19.02 32.67
C GLY J 65 13.06 17.77 32.15
N ALA J 66 12.70 17.33 30.96
CA ALA J 66 13.16 16.04 30.45
C ALA J 66 14.12 16.17 29.26
N THR J 67 15.14 15.30 29.24
CA THR J 67 16.10 15.26 28.15
C THR J 67 15.60 14.35 27.04
N LEU J 68 15.41 14.92 25.84
CA LEU J 68 14.80 14.20 24.72
C LEU J 68 15.83 13.43 23.90
N PHE J 69 15.45 12.23 23.49
CA PHE J 69 16.24 11.43 22.56
C PHE J 69 15.54 11.36 21.20
N LEU J 70 16.22 11.82 20.16
CA LEU J 70 15.63 11.90 18.83
C LEU J 70 16.29 10.91 17.86
N ARG J 71 15.50 10.19 17.08
CA ARG J 71 16.04 9.25 16.10
C ARG J 71 15.31 9.35 14.77
N GLY K 1 -21.10 21.14 0.56
CA GLY K 1 -21.69 20.95 -0.77
C GLY K 1 -20.66 21.06 -1.87
N SER K 2 -20.98 20.51 -3.04
CA SER K 2 -20.05 20.52 -4.16
C SER K 2 -19.87 21.92 -4.74
N HIS K 3 -20.75 22.84 -4.38
CA HIS K 3 -20.64 24.21 -4.85
C HIS K 3 -19.53 24.93 -4.11
N MET K 4 -18.98 24.28 -3.10
CA MET K 4 -17.86 24.80 -2.33
C MET K 4 -16.54 24.24 -2.84
N ARG K 5 -16.61 23.37 -3.83
CA ARG K 5 -15.41 22.73 -4.36
C ARG K 5 -14.61 23.74 -5.19
N VAL K 6 -13.33 23.83 -4.89
CA VAL K 6 -12.43 24.73 -5.60
C VAL K 6 -11.24 23.96 -6.13
N GLN K 7 -10.90 24.16 -7.41
CA GLN K 7 -9.76 23.47 -7.99
C GLN K 7 -8.48 24.27 -7.75
N VAL K 8 -7.43 23.58 -7.37
CA VAL K 8 -6.12 24.18 -7.15
C VAL K 8 -5.16 23.69 -8.23
N SER K 9 -4.31 24.57 -8.73
CA SER K 9 -3.34 24.18 -9.76
C SER K 9 -2.00 24.85 -9.56
N GLY K 10 -0.95 24.28 -10.14
CA GLY K 10 0.37 24.89 -10.09
C GLY K 10 1.21 24.50 -8.90
N LEU K 11 0.74 23.51 -8.14
CA LEU K 11 1.45 23.05 -6.96
C LEU K 11 2.78 22.42 -7.35
N SER K 12 3.79 22.56 -6.50
CA SER K 12 5.02 21.79 -6.72
C SER K 12 4.71 20.35 -6.38
N ASP K 13 5.49 19.43 -6.94
CA ASP K 13 5.26 18.00 -6.74
C ASP K 13 5.40 17.59 -5.27
N GLU K 14 6.07 18.44 -4.49
CA GLU K 14 6.33 18.16 -3.08
C GLU K 14 5.14 18.49 -2.18
N THR K 15 4.19 19.28 -2.68
CA THR K 15 3.06 19.70 -1.85
C THR K 15 2.14 18.52 -1.53
N THR K 16 1.75 18.43 -0.26
CA THR K 16 0.80 17.42 0.20
C THR K 16 -0.41 18.13 0.81
N TRP K 17 -1.40 17.37 1.25
CA TRP K 17 -2.58 17.97 1.85
C TRP K 17 -2.21 18.71 3.13
N HIS K 18 -1.14 18.27 3.78
CA HIS K 18 -0.66 18.93 4.99
C HIS K 18 -0.34 20.40 4.73
N THR K 19 0.48 20.63 3.70
CA THR K 19 0.98 21.97 3.41
C THR K 19 -0.02 22.82 2.63
N LEU K 20 -0.86 22.18 1.82
CA LEU K 20 -1.91 22.90 1.11
C LEU K 20 -3.01 23.36 2.08
N LYS K 21 -3.49 22.44 2.91
CA LYS K 21 -4.52 22.77 3.90
C LYS K 21 -4.05 23.89 4.82
N ASP K 22 -2.80 23.84 5.26
CA ASP K 22 -2.23 24.88 6.10
C ASP K 22 -2.11 26.22 5.34
N HIS K 23 -1.69 26.14 4.09
CA HIS K 23 -1.59 27.32 3.23
C HIS K 23 -2.94 28.03 3.10
N LEU K 24 -3.97 27.26 2.75
CA LEU K 24 -5.30 27.82 2.50
C LEU K 24 -5.94 28.37 3.77
N ARG K 25 -5.52 27.86 4.92
CA ARG K 25 -6.04 28.29 6.21
C ARG K 25 -5.79 29.78 6.47
N GLN K 26 -4.84 30.36 5.75
CA GLN K 26 -4.62 31.80 5.82
C GLN K 26 -5.87 32.59 5.41
N ALA K 27 -6.73 31.95 4.63
CA ALA K 27 -7.96 32.61 4.18
C ALA K 27 -9.22 31.84 4.53
N GLY K 28 -9.14 30.50 4.55
CA GLY K 28 -10.33 29.70 4.78
C GLY K 28 -10.10 28.27 5.25
N GLU K 29 -11.06 27.76 6.01
CA GLU K 29 -11.02 26.38 6.49
C GLU K 29 -11.57 25.41 5.46
N VAL K 30 -11.01 24.21 5.43
CA VAL K 30 -11.31 23.23 4.41
C VAL K 30 -11.76 21.89 5.01
N THR K 31 -12.76 21.25 4.40
CA THR K 31 -13.30 19.97 4.88
C THR K 31 -12.95 18.81 3.95
N PHE K 32 -12.24 19.11 2.88
CA PHE K 32 -11.86 18.11 1.90
C PHE K 32 -10.65 18.63 1.16
N CYS K 33 -9.64 17.78 1.00
CA CYS K 33 -8.41 18.19 0.37
C CYS K 33 -7.75 16.99 -0.26
N LYS K 34 -7.92 16.84 -1.57
CA LYS K 34 -7.28 15.75 -2.31
C LYS K 34 -6.26 16.31 -3.27
N VAL K 35 -4.99 15.95 -3.06
CA VAL K 35 -3.90 16.37 -3.93
C VAL K 35 -3.63 15.33 -5.00
N PHE K 36 -3.74 15.73 -6.27
CA PHE K 36 -3.50 14.86 -7.43
C PHE K 36 -2.10 15.02 -7.98
N SER K 37 -1.84 14.32 -9.08
CA SER K 37 -0.59 14.49 -9.81
C SER K 37 -0.73 15.67 -10.76
N GLY K 38 0.39 16.16 -11.29
CA GLY K 38 0.37 17.27 -12.22
C GLY K 38 0.12 18.60 -11.54
N GLY K 39 0.42 18.66 -10.25
CA GLY K 39 0.30 19.90 -9.48
C GLY K 39 -1.12 20.33 -9.20
N ARG K 40 -2.04 19.37 -9.18
CA ARG K 40 -3.45 19.68 -9.01
C ARG K 40 -4.01 19.20 -7.67
N ALA K 41 -5.04 19.90 -7.21
CA ALA K 41 -5.76 19.48 -6.02
C ALA K 41 -7.21 19.91 -6.11
N VAL K 42 -8.08 19.21 -5.40
CA VAL K 42 -9.47 19.63 -5.24
C VAL K 42 -9.74 19.79 -3.75
N VAL K 43 -10.22 20.96 -3.37
CA VAL K 43 -10.57 21.21 -1.99
C VAL K 43 -12.01 21.66 -1.89
N GLU K 44 -12.57 21.58 -0.70
CA GLU K 44 -13.90 22.10 -0.43
C GLU K 44 -13.88 22.90 0.85
N PHE K 45 -14.26 24.17 0.75
CA PHE K 45 -14.24 25.06 1.90
C PHE K 45 -15.49 24.82 2.76
N VAL K 46 -15.42 25.16 4.03
CA VAL K 46 -16.53 24.82 4.92
C VAL K 46 -17.68 25.80 4.73
N THR K 47 -17.35 27.05 4.41
CA THR K 47 -18.36 28.09 4.21
C THR K 47 -18.05 28.92 2.97
N PRO K 48 -19.10 29.51 2.37
CA PRO K 48 -18.92 30.40 1.21
C PRO K 48 -17.96 31.56 1.48
N GLU K 49 -17.92 32.05 2.72
CA GLU K 49 -17.01 33.13 3.06
C GLU K 49 -15.55 32.67 2.90
N ASP K 50 -15.26 31.48 3.39
CA ASP K 50 -13.91 30.92 3.28
C ASP K 50 -13.49 30.74 1.82
N ALA K 51 -14.39 30.19 1.02
CA ALA K 51 -14.12 30.02 -0.41
C ALA K 51 -13.90 31.38 -1.10
N ALA K 52 -14.79 32.33 -0.83
CA ALA K 52 -14.69 33.65 -1.45
C ALA K 52 -13.38 34.35 -1.05
N ARG K 53 -12.99 34.20 0.19
CA ARG K 53 -11.74 34.79 0.67
C ARG K 53 -10.51 34.15 0.01
N ALA K 54 -10.50 32.83 -0.08
CA ALA K 54 -9.38 32.13 -0.69
C ALA K 54 -9.24 32.46 -2.17
N ILE K 55 -10.37 32.46 -2.87
CA ILE K 55 -10.46 32.82 -4.29
C ILE K 55 -9.90 34.21 -4.59
N THR K 56 -10.10 35.14 -3.67
CA THR K 56 -9.65 36.52 -3.88
C THR K 56 -8.25 36.80 -3.33
N GLU K 57 -7.90 36.16 -2.23
CA GLU K 57 -6.69 36.52 -1.50
C GLU K 57 -5.49 35.59 -1.72
N LEU K 58 -5.67 34.49 -2.45
CA LEU K 58 -4.58 33.52 -2.56
C LEU K 58 -4.26 33.16 -4.01
N GLN K 59 -4.77 33.94 -4.95
CA GLN K 59 -4.38 33.75 -6.35
C GLN K 59 -2.92 34.12 -6.54
N ALA K 60 -2.19 33.25 -7.24
CA ALA K 60 -0.76 33.44 -7.46
C ALA K 60 0.02 33.49 -6.16
N SER K 61 -0.50 32.87 -5.11
CA SER K 61 0.23 32.81 -3.84
C SER K 61 1.34 31.78 -3.94
N GLU K 62 2.42 32.02 -3.20
CA GLU K 62 3.58 31.14 -3.21
C GLU K 62 3.43 30.01 -2.19
N LEU K 63 3.69 28.79 -2.62
CA LEU K 63 3.69 27.64 -1.71
C LEU K 63 4.79 26.68 -2.14
N GLU K 64 5.76 26.50 -1.26
CA GLU K 64 6.89 25.58 -1.47
C GLU K 64 7.53 25.75 -2.85
N GLY K 65 7.79 27.00 -3.22
CA GLY K 65 8.51 27.33 -4.42
C GLY K 65 7.66 27.43 -5.66
N ALA K 66 6.35 27.23 -5.50
CA ALA K 66 5.45 27.27 -6.64
C ALA K 66 4.40 28.35 -6.48
N THR K 67 3.79 28.72 -7.60
CA THR K 67 2.75 29.73 -7.61
C THR K 67 1.42 29.06 -7.94
N LEU K 68 0.49 29.06 -6.98
CA LEU K 68 -0.73 28.31 -7.19
C LEU K 68 -1.89 29.22 -7.57
N PHE K 69 -2.84 28.64 -8.30
CA PHE K 69 -4.05 29.35 -8.69
C PHE K 69 -5.27 28.55 -8.27
N LEU K 70 -6.38 29.24 -8.08
CA LEU K 70 -7.61 28.61 -7.62
C LEU K 70 -8.73 28.86 -8.61
N ARG K 71 -9.61 27.88 -8.77
CA ARG K 71 -10.69 28.00 -9.73
C ARG K 71 -11.96 27.35 -9.17
#